data_6SYP
#
_entry.id   6SYP
#
_cell.length_a   90.565
_cell.length_b   90.565
_cell.length_c   122.387
_cell.angle_alpha   90.000
_cell.angle_beta   90.000
_cell.angle_gamma   120.000
#
_symmetry.space_group_name_H-M   'P 32 2 1'
#
loop_
_entity.id
_entity.type
_entity.pdbx_description
1 polymer 'Dihydroorotate dehydrogenase'
2 non-polymer 'FLAVIN MONONUCLEOTIDE'
3 non-polymer 'OROTIC ACID'
4 non-polymer 'SULFATE ION'
5 non-polymer 2-[4-[2,6-bis(fluoranyl)phenoxy]-5-methyl-3-propan-2-yloxy-pyrazol-1-yl]-5-cyclopropyl-3-fluoranyl-pyridine
6 water water
#
_entity_poly.entity_id   1
_entity_poly.type   'polypeptide(L)'
_entity_poly.pdbx_seq_one_letter_code
;MAWRHLKKRAQDAVIILGGGGLLFASYLMATGDERFYAEHLMPTLQGLLDPESAHRLAVRFTSLGLLPRARFQDSDMLEV
RVLGHKFRNPVGIAAGFDKHGEAVDGLYKMGFGFVEIGSVTPKPQEGNPRPRVFRLPEDQAVINRYGFNSHGLSVVEHRL
RARQQKQAKLTEDGLPLGVNLGKNKTSVDAAEDYAEGVRVLGPLADYLVVNVSSPNTAGLRSLQGKAELRRLLTKVLQER
DGLRRVHRPAVLVKIAPDLTSQDKEDIASVVKELGIDGLIVTNTTVSRPAGLQGALRSETGGLSGKPLRDLSTQTIREMY
ALTQGRVPIIGVGGVSSGQDALEKIRAGASLVQLYTALTFWGPPVVGKVKRELEALLKEQGFGGVTDAIGADHRR
;
_entity_poly.pdbx_strand_id   AAA
#
loop_
_chem_comp.id
_chem_comp.type
_chem_comp.name
_chem_comp.formula
FMN non-polymer 'FLAVIN MONONUCLEOTIDE' 'C17 H21 N4 O9 P'
M0B non-polymer 2-[4-[2,6-bis(fluoranyl)phenoxy]-5-methyl-3-propan-2-yloxy-pyrazol-1-yl]-5-cyclopropyl-3-fluoranyl-pyridine 'C21 H20 F3 N3 O2'
ORO non-polymer 'OROTIC ACID' 'C5 H4 N2 O4'
SO4 non-polymer 'SULFATE ION' 'O4 S -2'
#
# COMPACT_ATOMS: atom_id res chain seq x y z
N LEU A 49 -13.26 -8.17 21.95
CA LEU A 49 -12.10 -8.50 21.06
C LEU A 49 -11.15 -7.29 21.01
N ASP A 50 -9.90 -7.48 21.41
CA ASP A 50 -8.85 -6.45 21.21
C ASP A 50 -8.55 -6.38 19.72
N PRO A 51 -8.03 -5.25 19.21
CA PRO A 51 -7.79 -5.08 17.78
C PRO A 51 -6.94 -6.18 17.12
N GLU A 52 -5.86 -6.64 17.75
CA GLU A 52 -4.97 -7.67 17.13
C GLU A 52 -5.73 -9.01 17.03
N SER A 53 -6.51 -9.38 18.04
CA SER A 53 -7.37 -10.59 17.99
C SER A 53 -8.36 -10.47 16.83
N ALA A 54 -9.01 -9.32 16.67
CA ALA A 54 -9.97 -9.04 15.58
C ALA A 54 -9.24 -9.20 14.23
N HIS A 55 -8.03 -8.66 14.12
CA HIS A 55 -7.20 -8.74 12.89
C HIS A 55 -6.94 -10.21 12.51
N ARG A 56 -6.48 -11.00 13.49
CA ARG A 56 -6.19 -12.45 13.29
C ARG A 56 -7.46 -13.15 12.79
N LEU A 57 -8.62 -12.88 13.41
CA LEU A 57 -9.91 -13.51 13.02
C LEU A 57 -10.29 -13.06 11.61
N ALA A 58 -10.13 -11.76 11.30
CA ALA A 58 -10.44 -11.19 9.98
C ALA A 58 -9.62 -11.89 8.90
N VAL A 59 -8.32 -12.10 9.14
CA VAL A 59 -7.42 -12.80 8.16
C VAL A 59 -7.93 -14.24 7.99
N ARG A 60 -8.21 -14.93 9.09
CA ARG A 60 -8.71 -16.34 9.06
C ARG A 60 -10.01 -16.40 8.26
N PHE A 61 -11.00 -15.56 8.58
CA PHE A 61 -12.32 -15.56 7.90
C PHE A 61 -12.15 -15.25 6.41
N THR A 62 -11.29 -14.28 6.08
CA THR A 62 -11.05 -13.87 4.67
C THR A 62 -10.42 -15.04 3.91
N SER A 63 -9.42 -15.70 4.49
CA SER A 63 -8.69 -16.84 3.88
C SER A 63 -9.67 -18.00 3.59
N LEU A 64 -10.65 -18.21 4.48
CA LEU A 64 -11.67 -19.29 4.36
C LEU A 64 -12.80 -18.86 3.41
N GLY A 65 -12.78 -17.62 2.90
CA GLY A 65 -13.83 -17.09 2.02
C GLY A 65 -15.14 -16.88 2.75
N LEU A 66 -15.11 -16.82 4.09
CA LEU A 66 -16.30 -16.56 4.95
C LEU A 66 -16.66 -15.07 4.86
N LEU A 67 -17.21 -14.67 3.71
CA LEU A 67 -17.74 -13.32 3.44
C LEU A 67 -18.58 -13.40 2.17
N PRO A 68 -19.61 -12.53 1.99
CA PRO A 68 -20.41 -12.55 0.76
C PRO A 68 -19.54 -12.13 -0.42
N ARG A 69 -19.58 -12.86 -1.54
CA ARG A 69 -18.90 -12.45 -2.80
C ARG A 69 -19.49 -11.10 -3.23
N ALA A 70 -18.64 -10.16 -3.66
CA ALA A 70 -19.00 -8.75 -3.95
C ALA A 70 -19.98 -8.70 -5.12
N ARG A 71 -21.24 -8.36 -4.84
CA ARG A 71 -22.36 -8.27 -5.82
C ARG A 71 -22.04 -7.20 -6.89
N PHE A 72 -21.31 -6.13 -6.51
CA PHE A 72 -20.89 -5.04 -7.42
C PHE A 72 -20.03 -5.59 -8.56
N GLN A 73 -20.52 -5.49 -9.81
CA GLN A 73 -19.75 -5.79 -11.05
C GLN A 73 -19.02 -4.51 -11.49
N ASP A 74 -17.70 -4.58 -11.65
CA ASP A 74 -16.84 -3.41 -11.96
C ASP A 74 -17.15 -2.94 -13.39
N SER A 75 -17.48 -1.66 -13.57
CA SER A 75 -17.71 -1.04 -14.89
C SER A 75 -16.37 -0.70 -15.54
N ASP A 76 -16.37 -0.51 -16.86
CA ASP A 76 -15.18 -0.16 -17.68
C ASP A 76 -14.60 1.20 -17.24
N MET A 77 -15.43 2.05 -16.63
CA MET A 77 -15.01 3.39 -16.11
C MET A 77 -13.90 3.24 -15.06
N LEU A 78 -13.85 2.11 -14.35
CA LEU A 78 -12.96 1.92 -13.18
C LEU A 78 -11.63 1.29 -13.60
N GLU A 79 -11.50 0.84 -14.85
CA GLU A 79 -10.27 0.16 -15.33
C GLU A 79 -9.13 1.17 -15.44
N VAL A 80 -7.94 0.78 -14.99
CA VAL A 80 -6.70 1.59 -15.07
C VAL A 80 -5.58 0.72 -15.62
N ARG A 81 -4.82 1.26 -16.57
CA ARG A 81 -3.60 0.61 -17.12
C ARG A 81 -2.39 1.40 -16.63
N VAL A 82 -1.63 0.79 -15.73
CA VAL A 82 -0.44 1.45 -15.09
C VAL A 82 0.51 0.34 -14.60
N LEU A 83 1.79 0.66 -14.45
CA LEU A 83 2.84 -0.25 -13.92
C LEU A 83 2.93 -1.51 -14.78
N GLY A 84 2.55 -1.43 -16.06
CA GLY A 84 2.63 -2.53 -17.04
C GLY A 84 1.48 -3.52 -16.88
N HIS A 85 0.42 -3.15 -16.18
CA HIS A 85 -0.71 -4.06 -15.84
C HIS A 85 -2.05 -3.36 -16.03
N LYS A 86 -3.08 -4.19 -16.17
CA LYS A 86 -4.50 -3.79 -16.16
C LYS A 86 -5.01 -3.99 -14.74
N PHE A 87 -5.67 -2.97 -14.18
CA PHE A 87 -6.38 -3.04 -12.89
C PHE A 87 -7.87 -2.88 -13.17
N ARG A 88 -8.65 -3.93 -12.89
CA ARG A 88 -10.11 -3.97 -13.17
C ARG A 88 -10.81 -2.83 -12.42
N ASN A 89 -10.32 -2.51 -11.22
CA ASN A 89 -10.78 -1.33 -10.45
C ASN A 89 -9.59 -0.77 -9.70
N PRO A 90 -9.62 0.52 -9.29
CA PRO A 90 -8.43 1.18 -8.74
C PRO A 90 -8.33 1.07 -7.21
N VAL A 91 -9.13 0.22 -6.57
CA VAL A 91 -9.24 0.15 -5.09
C VAL A 91 -8.55 -1.12 -4.59
N GLY A 92 -7.36 -0.97 -3.98
CA GLY A 92 -6.54 -2.06 -3.48
C GLY A 92 -6.61 -2.15 -1.97
N ILE A 93 -6.20 -3.29 -1.43
CA ILE A 93 -5.98 -3.47 0.03
C ILE A 93 -4.53 -3.10 0.30
N ALA A 94 -4.29 -2.19 1.23
CA ALA A 94 -2.94 -1.71 1.60
C ALA A 94 -2.19 -2.83 2.34
N ALA A 95 -0.86 -2.76 2.32
CA ALA A 95 0.04 -3.61 3.12
C ALA A 95 -0.37 -3.57 4.60
N GLY A 96 -0.15 -4.69 5.29
CA GLY A 96 -0.28 -4.79 6.75
C GLY A 96 -1.57 -5.48 7.18
N PHE A 97 -2.50 -5.72 6.26
CA PHE A 97 -3.70 -6.53 6.55
C PHE A 97 -3.31 -8.01 6.40
N ASP A 98 -2.87 -8.38 5.20
CA ASP A 98 -2.36 -9.74 4.91
C ASP A 98 -0.82 -9.67 4.88
N LYS A 99 -0.19 -9.65 6.05
CA LYS A 99 1.29 -9.49 6.17
C LYS A 99 2.00 -10.70 5.58
N HIS A 100 1.41 -11.90 5.66
CA HIS A 100 2.13 -13.17 5.37
C HIS A 100 1.55 -13.89 4.15
N GLY A 101 0.68 -13.24 3.37
CA GLY A 101 0.16 -13.79 2.09
C GLY A 101 -0.78 -14.97 2.31
N GLU A 102 -1.64 -14.89 3.32
CA GLU A 102 -2.55 -16.00 3.73
C GLU A 102 -3.97 -15.83 3.19
N ALA A 103 -4.35 -14.63 2.71
CA ALA A 103 -5.77 -14.31 2.44
C ALA A 103 -5.96 -13.67 1.07
N VAL A 104 -5.03 -13.87 0.14
CA VAL A 104 -5.00 -13.13 -1.16
C VAL A 104 -6.32 -13.39 -1.92
N ASP A 105 -6.72 -14.65 -2.09
CA ASP A 105 -7.92 -14.99 -2.89
C ASP A 105 -9.17 -14.42 -2.24
N GLY A 106 -9.29 -14.54 -0.91
CA GLY A 106 -10.40 -13.94 -0.14
C GLY A 106 -10.49 -12.42 -0.33
N LEU A 107 -9.35 -11.74 -0.48
CA LEU A 107 -9.33 -10.27 -0.70
C LEU A 107 -9.83 -9.93 -2.11
N TYR A 108 -9.47 -10.70 -3.14
CA TYR A 108 -10.09 -10.50 -4.49
C TYR A 108 -11.60 -10.74 -4.39
N LYS A 109 -12.03 -11.72 -3.59
CA LYS A 109 -13.47 -12.03 -3.40
C LYS A 109 -14.18 -10.83 -2.78
N MET A 110 -13.49 -10.08 -1.92
CA MET A 110 -14.04 -8.88 -1.23
C MET A 110 -14.27 -7.75 -2.23
N GLY A 111 -13.62 -7.79 -3.41
CA GLY A 111 -13.86 -6.83 -4.52
C GLY A 111 -12.69 -5.89 -4.76
N PHE A 112 -11.54 -6.11 -4.10
CA PHE A 112 -10.32 -5.29 -4.35
C PHE A 112 -9.84 -5.54 -5.78
N GLY A 113 -9.43 -4.47 -6.47
CA GLY A 113 -8.86 -4.53 -7.83
C GLY A 113 -7.41 -5.01 -7.80
N PHE A 114 -6.76 -4.93 -6.65
CA PHE A 114 -5.37 -5.44 -6.47
C PHE A 114 -5.12 -5.67 -5.00
N VAL A 115 -4.17 -6.56 -4.71
CA VAL A 115 -3.84 -6.96 -3.32
C VAL A 115 -2.35 -6.71 -3.12
N GLU A 116 -2.01 -6.06 -2.02
CA GLU A 116 -0.61 -5.91 -1.56
C GLU A 116 -0.45 -6.69 -0.27
N ILE A 117 0.47 -7.66 -0.25
CA ILE A 117 0.80 -8.42 0.97
C ILE A 117 2.09 -7.86 1.57
N GLY A 118 2.37 -8.22 2.82
CA GLY A 118 3.56 -7.76 3.55
C GLY A 118 3.20 -6.68 4.57
N SER A 119 4.22 -6.04 5.16
CA SER A 119 5.62 -6.19 4.78
C SER A 119 6.17 -7.57 5.18
N VAL A 120 7.04 -8.12 4.32
CA VAL A 120 7.74 -9.42 4.57
C VAL A 120 9.21 -9.11 4.84
N THR A 121 9.77 -9.63 5.93
CA THR A 121 11.19 -9.50 6.31
C THR A 121 11.95 -10.74 5.86
N PRO A 122 13.27 -10.66 5.61
CA PRO A 122 14.07 -11.81 5.18
C PRO A 122 13.93 -13.02 6.13
N LYS A 123 14.25 -12.84 7.40
CA LYS A 123 14.09 -13.89 8.45
C LYS A 123 12.76 -13.68 9.15
N PRO A 124 12.13 -14.75 9.66
CA PRO A 124 10.96 -14.62 10.53
C PRO A 124 11.30 -13.75 11.75
N GLN A 125 10.37 -12.94 12.22
CA GLN A 125 10.56 -12.15 13.46
C GLN A 125 9.19 -11.88 14.08
N GLU A 126 9.16 -11.77 15.41
CA GLU A 126 7.91 -11.72 16.20
C GLU A 126 7.31 -10.31 16.19
N GLY A 127 8.13 -9.29 15.97
CA GLY A 127 7.73 -7.87 16.11
C GLY A 127 7.66 -7.47 17.57
N ASN A 128 6.96 -6.37 17.87
CA ASN A 128 6.96 -5.74 19.22
C ASN A 128 6.09 -6.53 20.20
N PRO A 129 6.33 -6.37 21.51
CA PRO A 129 5.43 -6.93 22.53
C PRO A 129 3.99 -6.42 22.40
N ARG A 130 3.02 -7.26 22.78
CA ARG A 130 1.58 -6.94 22.83
C ARG A 130 1.26 -6.24 24.14
N PRO A 131 0.27 -5.31 24.20
CA PRO A 131 -0.50 -4.89 23.02
C PRO A 131 0.28 -3.93 22.13
N ARG A 132 0.00 -3.97 20.82
CA ARG A 132 0.74 -3.19 19.79
C ARG A 132 -0.22 -2.67 18.72
N VAL A 133 -1.55 -2.77 18.94
CA VAL A 133 -2.58 -2.15 18.06
C VAL A 133 -3.67 -1.55 18.94
N PHE A 134 -4.09 -0.32 18.63
CA PHE A 134 -5.00 0.49 19.47
C PHE A 134 -6.07 1.12 18.59
N ARG A 135 -7.33 0.97 18.98
CA ARG A 135 -8.48 1.56 18.26
C ARG A 135 -8.77 2.96 18.83
N LEU A 136 -8.98 3.96 17.95
CA LEU A 136 -9.40 5.34 18.30
C LEU A 136 -10.76 5.57 17.65
N PRO A 137 -11.84 5.00 18.24
CA PRO A 137 -13.14 4.98 17.57
C PRO A 137 -13.68 6.39 17.31
N GLU A 138 -13.45 7.33 18.23
CA GLU A 138 -13.93 8.74 18.12
C GLU A 138 -13.28 9.42 16.92
N ASP A 139 -12.14 8.92 16.45
CA ASP A 139 -11.32 9.53 15.37
C ASP A 139 -11.42 8.72 14.07
N GLN A 140 -12.14 7.59 14.08
CA GLN A 140 -12.11 6.59 12.99
C GLN A 140 -10.65 6.32 12.60
N ALA A 141 -9.82 6.05 13.61
CA ALA A 141 -8.36 5.91 13.47
C ALA A 141 -7.88 4.66 14.20
N VAL A 142 -6.68 4.23 13.84
CA VAL A 142 -5.94 3.13 14.54
C VAL A 142 -4.53 3.64 14.76
N ILE A 143 -3.91 3.25 15.86
CA ILE A 143 -2.45 3.37 16.06
C ILE A 143 -1.89 1.95 16.14
N ASN A 144 -0.86 1.66 15.37
CA ASN A 144 -0.20 0.33 15.44
C ASN A 144 1.30 0.50 15.62
N ARG A 145 1.90 -0.42 16.38
CA ARG A 145 3.37 -0.61 16.47
C ARG A 145 3.67 -2.10 16.39
N TYR A 146 3.16 -2.77 15.35
CA TYR A 146 3.43 -4.22 15.12
C TYR A 146 4.94 -4.49 15.11
N GLY A 147 5.73 -3.65 14.45
CA GLY A 147 7.20 -3.82 14.34
C GLY A 147 7.59 -4.91 13.36
N PHE A 148 6.90 -5.02 12.22
CA PHE A 148 7.23 -5.96 11.13
C PHE A 148 7.25 -7.40 11.66
N ASN A 149 6.18 -7.81 12.36
CA ASN A 149 5.93 -9.24 12.62
C ASN A 149 5.84 -9.93 11.27
N SER A 150 6.68 -10.92 10.98
CA SER A 150 6.72 -11.54 9.65
C SER A 150 7.03 -13.05 9.77
N HIS A 151 6.32 -13.85 8.99
CA HIS A 151 6.64 -15.28 8.77
C HIS A 151 7.97 -15.42 8.02
N GLY A 152 8.44 -14.34 7.37
CA GLY A 152 9.74 -14.33 6.66
C GLY A 152 9.61 -14.78 5.22
N LEU A 153 10.64 -14.51 4.41
CA LEU A 153 10.60 -14.69 2.93
C LEU A 153 10.31 -16.16 2.56
N SER A 154 10.93 -17.14 3.20
CA SER A 154 10.83 -18.56 2.78
C SER A 154 9.37 -19.03 2.90
N VAL A 155 8.74 -18.78 4.04
CA VAL A 155 7.32 -19.19 4.27
C VAL A 155 6.43 -18.50 3.24
N VAL A 156 6.58 -17.18 3.06
CA VAL A 156 5.71 -16.43 2.11
C VAL A 156 5.98 -16.93 0.68
N GLU A 157 7.25 -17.19 0.32
CA GLU A 157 7.64 -17.73 -1.02
C GLU A 157 6.84 -19.00 -1.30
N HIS A 158 6.80 -19.94 -0.37
CA HIS A 158 6.11 -21.25 -0.54
C HIS A 158 4.59 -21.04 -0.64
N ARG A 159 4.03 -20.11 0.13
CA ARG A 159 2.59 -19.78 0.05
C ARG A 159 2.23 -19.21 -1.33
N LEU A 160 3.03 -18.29 -1.85
CA LEU A 160 2.74 -17.69 -3.17
C LEU A 160 2.99 -18.73 -4.27
N ARG A 161 4.01 -19.58 -4.11
CA ARG A 161 4.29 -20.64 -5.12
C ARG A 161 3.08 -21.59 -5.24
N ALA A 162 2.38 -21.84 -4.13
CA ALA A 162 1.24 -22.81 -4.09
C ALA A 162 0.08 -22.30 -4.96
N ARG A 163 0.02 -21.01 -5.28
CA ARG A 163 -1.09 -20.43 -6.09
C ARG A 163 -0.53 -19.56 -7.24
N GLN A 164 0.70 -19.79 -7.69
CA GLN A 164 1.41 -18.89 -8.64
C GLN A 164 0.64 -18.81 -9.97
N GLN A 165 0.13 -19.92 -10.50
CA GLN A 165 -0.55 -19.94 -11.81
C GLN A 165 -1.95 -19.37 -11.67
N LYS A 166 -2.61 -19.61 -10.53
CA LYS A 166 -3.90 -18.99 -10.21
C LYS A 166 -3.72 -17.46 -10.24
N GLN A 167 -2.63 -16.96 -9.66
CA GLN A 167 -2.31 -15.51 -9.65
C GLN A 167 -2.00 -15.04 -11.08
N ALA A 168 -1.27 -15.80 -11.89
CA ALA A 168 -0.96 -15.39 -13.28
C ALA A 168 -2.26 -15.16 -14.03
N LYS A 169 -3.28 -15.99 -13.80
CA LYS A 169 -4.62 -15.87 -14.45
C LYS A 169 -5.33 -14.61 -13.93
N LEU A 170 -5.34 -14.43 -12.61
CA LEU A 170 -5.98 -13.25 -11.96
C LEU A 170 -5.32 -11.98 -12.52
N THR A 171 -3.99 -11.93 -12.59
CA THR A 171 -3.23 -10.76 -13.10
C THR A 171 -3.66 -10.47 -14.55
N GLU A 172 -3.73 -11.50 -15.39
CA GLU A 172 -4.17 -11.37 -16.81
C GLU A 172 -5.60 -10.83 -16.86
N ASP A 173 -6.44 -11.20 -15.89
CA ASP A 173 -7.87 -10.79 -15.80
CA ASP A 173 -7.87 -10.78 -15.83
C ASP A 173 -8.00 -9.44 -15.09
N GLY A 174 -6.89 -8.76 -14.82
CA GLY A 174 -6.90 -7.38 -14.28
C GLY A 174 -6.90 -7.32 -12.75
N LEU A 175 -6.38 -8.35 -12.07
CA LEU A 175 -6.32 -8.40 -10.59
C LEU A 175 -4.88 -8.67 -10.14
N PRO A 176 -3.98 -7.66 -10.24
CA PRO A 176 -2.57 -7.85 -9.91
C PRO A 176 -2.27 -7.99 -8.41
N LEU A 177 -1.06 -8.47 -8.12
CA LEU A 177 -0.53 -8.76 -6.77
C LEU A 177 0.74 -7.91 -6.54
N GLY A 178 0.75 -7.18 -5.43
CA GLY A 178 1.93 -6.46 -4.92
C GLY A 178 2.50 -7.17 -3.73
N VAL A 179 3.81 -7.08 -3.57
CA VAL A 179 4.54 -7.61 -2.39
C VAL A 179 5.36 -6.46 -1.78
N ASN A 180 5.13 -6.20 -0.51
CA ASN A 180 5.81 -5.13 0.26
C ASN A 180 6.96 -5.76 1.06
N LEU A 181 8.19 -5.30 0.83
CA LEU A 181 9.42 -5.87 1.42
C LEU A 181 9.88 -5.01 2.59
N GLY A 182 10.11 -5.63 3.76
CA GLY A 182 10.70 -4.96 4.93
C GLY A 182 12.09 -5.47 5.21
N LYS A 183 12.64 -5.05 6.35
CA LYS A 183 14.00 -5.42 6.82
C LYS A 183 13.88 -5.91 8.26
N ASN A 184 14.76 -6.84 8.65
CA ASN A 184 14.79 -7.40 10.01
C ASN A 184 15.27 -6.30 10.97
N LYS A 185 14.80 -6.34 12.19
CA LYS A 185 15.16 -5.38 13.27
C LYS A 185 16.69 -5.31 13.43
N THR A 186 17.38 -6.45 13.39
CA THR A 186 18.82 -6.57 13.75
C THR A 186 19.72 -6.45 12.51
N SER A 187 19.15 -6.20 11.32
CA SER A 187 19.91 -6.13 10.05
C SER A 187 20.96 -5.03 10.12
N VAL A 188 22.18 -5.34 9.66
CA VAL A 188 23.33 -4.40 9.57
C VAL A 188 23.20 -3.61 8.26
N ASP A 189 22.79 -4.31 7.19
CA ASP A 189 22.82 -3.82 5.79
C ASP A 189 21.39 -3.83 5.24
N ALA A 190 20.67 -2.70 5.35
CA ALA A 190 19.26 -2.56 4.93
C ALA A 190 19.11 -2.92 3.45
N ALA A 191 20.02 -2.45 2.61
CA ALA A 191 20.02 -2.70 1.15
C ALA A 191 20.08 -4.21 0.89
N GLU A 192 20.83 -4.98 1.69
CA GLU A 192 20.95 -6.44 1.47
C GLU A 192 19.62 -7.11 1.86
N ASP A 193 18.95 -6.67 2.92
CA ASP A 193 17.60 -7.18 3.29
C ASP A 193 16.64 -6.98 2.10
N TYR A 194 16.59 -5.77 1.54
CA TYR A 194 15.66 -5.48 0.41
C TYR A 194 16.06 -6.29 -0.82
N ALA A 195 17.36 -6.41 -1.09
CA ALA A 195 17.90 -7.20 -2.23
C ALA A 195 17.43 -8.66 -2.12
N GLU A 196 17.52 -9.26 -0.93
CA GLU A 196 17.08 -10.65 -0.66
C GLU A 196 15.58 -10.76 -0.99
N GLY A 197 14.78 -9.77 -0.58
CA GLY A 197 13.34 -9.73 -0.86
C GLY A 197 13.07 -9.69 -2.35
N VAL A 198 13.83 -8.90 -3.10
CA VAL A 198 13.66 -8.79 -4.58
C VAL A 198 13.91 -10.18 -5.19
N ARG A 199 15.00 -10.83 -4.76
CA ARG A 199 15.42 -12.12 -5.36
C ARG A 199 14.38 -13.20 -5.07
N VAL A 200 13.82 -13.22 -3.86
CA VAL A 200 12.95 -14.34 -3.40
C VAL A 200 11.49 -14.10 -3.83
N LEU A 201 10.94 -12.90 -3.63
CA LEU A 201 9.50 -12.65 -3.91
C LEU A 201 9.28 -11.84 -5.20
N GLY A 202 10.30 -11.16 -5.71
CA GLY A 202 10.18 -10.47 -7.00
C GLY A 202 9.59 -11.35 -8.09
N PRO A 203 10.06 -12.62 -8.26
CA PRO A 203 9.53 -13.51 -9.29
C PRO A 203 8.04 -13.86 -9.14
N LEU A 204 7.47 -13.60 -7.97
CA LEU A 204 6.07 -13.99 -7.64
C LEU A 204 5.16 -12.75 -7.57
N ALA A 205 5.67 -11.56 -7.90
CA ALA A 205 4.95 -10.28 -7.70
C ALA A 205 4.78 -9.53 -9.03
N ASP A 206 3.66 -8.84 -9.19
CA ASP A 206 3.45 -7.87 -10.30
C ASP A 206 4.21 -6.59 -9.98
N TYR A 207 4.23 -6.19 -8.71
CA TYR A 207 5.03 -5.04 -8.24
C TYR A 207 5.58 -5.36 -6.86
N LEU A 208 6.75 -4.77 -6.58
CA LEU A 208 7.42 -4.80 -5.27
C LEU A 208 7.35 -3.41 -4.66
N VAL A 209 7.31 -3.34 -3.34
CA VAL A 209 7.34 -2.05 -2.60
C VAL A 209 8.52 -2.07 -1.65
N VAL A 210 9.38 -1.07 -1.78
CA VAL A 210 10.49 -0.79 -0.84
C VAL A 210 9.92 0.17 0.18
N ASN A 211 9.62 -0.41 1.33
CA ASN A 211 9.03 0.22 2.51
C ASN A 211 10.18 0.82 3.32
N VAL A 212 10.47 2.11 3.07
CA VAL A 212 11.48 2.90 3.82
C VAL A 212 10.76 3.83 4.82
N SER A 213 9.49 3.55 5.17
CA SER A 213 8.58 4.51 5.85
C SER A 213 7.80 3.89 7.02
N SER A 214 8.07 2.64 7.44
CA SER A 214 7.52 2.14 8.71
C SER A 214 8.03 3.01 9.86
N PRO A 215 7.13 3.49 10.76
CA PRO A 215 7.56 4.22 11.95
C PRO A 215 8.01 3.34 13.14
N ASN A 216 7.99 2.02 12.96
CA ASN A 216 8.07 1.00 14.06
C ASN A 216 9.32 0.12 13.91
N THR A 217 10.30 0.54 13.10
CA THR A 217 11.66 -0.06 13.04
C THR A 217 12.70 1.07 13.14
N ALA A 218 13.52 1.05 14.18
CA ALA A 218 14.59 2.06 14.47
C ALA A 218 15.46 2.25 13.22
N GLY A 219 15.59 3.49 12.75
CA GLY A 219 16.53 3.92 11.69
C GLY A 219 16.02 3.67 10.27
N LEU A 220 14.81 3.12 10.10
CA LEU A 220 14.28 2.73 8.77
C LEU A 220 13.99 3.97 7.91
N ARG A 221 13.29 4.96 8.46
CA ARG A 221 12.81 6.17 7.74
C ARG A 221 13.99 7.04 7.27
N SER A 222 15.16 6.91 7.92
CA SER A 222 16.44 7.56 7.53
C SER A 222 16.97 7.02 6.20
N LEU A 223 16.49 5.85 5.75
CA LEU A 223 16.74 5.30 4.38
C LEU A 223 16.11 6.21 3.32
N GLN A 224 15.24 7.14 3.74
CA GLN A 224 14.54 8.13 2.87
C GLN A 224 15.47 9.29 2.46
N GLY A 225 16.58 9.52 3.18
CA GLY A 225 17.60 10.55 2.83
C GLY A 225 18.38 10.19 1.57
N LYS A 226 19.01 11.18 0.92
CA LYS A 226 19.32 11.18 -0.54
C LYS A 226 20.42 10.18 -0.94
N ALA A 227 21.66 10.35 -0.46
CA ALA A 227 22.83 9.54 -0.88
C ALA A 227 22.62 8.07 -0.52
N GLU A 228 22.09 7.80 0.68
CA GLU A 228 21.73 6.45 1.18
C GLU A 228 20.57 5.90 0.35
N LEU A 229 19.57 6.73 0.03
CA LEU A 229 18.40 6.33 -0.80
C LEU A 229 18.87 5.94 -2.20
N ARG A 230 19.76 6.71 -2.83
CA ARG A 230 20.27 6.41 -4.19
C ARG A 230 20.99 5.06 -4.17
N ARG A 231 21.81 4.80 -3.15
CA ARG A 231 22.58 3.53 -3.00
C ARG A 231 21.60 2.36 -2.86
N LEU A 232 20.61 2.51 -1.97
CA LEU A 232 19.62 1.46 -1.65
C LEU A 232 18.82 1.12 -2.90
N LEU A 233 18.27 2.13 -3.58
CA LEU A 233 17.36 1.90 -4.73
C LEU A 233 18.17 1.43 -5.96
N THR A 234 19.41 1.89 -6.13
CA THR A 234 20.29 1.38 -7.22
C THR A 234 20.45 -0.14 -7.05
N LYS A 235 20.74 -0.61 -5.84
CA LYS A 235 20.93 -2.05 -5.52
C LYS A 235 19.62 -2.81 -5.79
N VAL A 236 18.49 -2.26 -5.35
CA VAL A 236 17.16 -2.91 -5.53
C VAL A 236 16.85 -3.04 -7.02
N LEU A 237 17.07 -1.99 -7.82
CA LEU A 237 16.77 -2.01 -9.28
C LEU A 237 17.73 -2.96 -10.02
N GLN A 238 19.01 -3.00 -9.62
CA GLN A 238 19.99 -3.95 -10.21
C GLN A 238 19.46 -5.39 -9.99
N GLU A 239 19.05 -5.71 -8.77
CA GLU A 239 18.52 -7.06 -8.41
C GLU A 239 17.27 -7.35 -9.24
N ARG A 240 16.33 -6.40 -9.37
CA ARG A 240 15.09 -6.56 -10.14
C ARG A 240 15.44 -6.81 -11.61
N ASP A 241 16.37 -6.03 -12.17
CA ASP A 241 16.74 -6.11 -13.61
C ASP A 241 17.42 -7.47 -13.88
N GLY A 242 17.98 -8.10 -12.84
CA GLY A 242 18.63 -9.43 -12.93
C GLY A 242 17.64 -10.59 -13.00
N LEU A 243 16.35 -10.34 -12.81
CA LEU A 243 15.31 -11.41 -12.89
C LEU A 243 14.88 -11.61 -14.35
N ARG A 244 14.53 -12.84 -14.70
CA ARG A 244 14.03 -13.20 -16.05
C ARG A 244 12.79 -12.37 -16.37
N ARG A 245 12.65 -11.98 -17.65
CA ARG A 245 11.72 -10.95 -18.15
C ARG A 245 10.29 -11.22 -17.65
N VAL A 246 9.81 -12.47 -17.71
CA VAL A 246 8.39 -12.78 -17.34
C VAL A 246 8.23 -12.74 -15.81
N HIS A 247 9.33 -12.70 -15.06
CA HIS A 247 9.35 -12.69 -13.58
C HIS A 247 9.86 -11.36 -13.03
N ARG A 248 9.85 -10.31 -13.85
CA ARG A 248 10.48 -9.00 -13.52
C ARG A 248 9.39 -8.01 -13.09
N PRO A 249 9.25 -7.71 -11.78
CA PRO A 249 8.20 -6.81 -11.30
C PRO A 249 8.54 -5.32 -11.43
N ALA A 250 7.51 -4.47 -11.43
CA ALA A 250 7.63 -3.02 -11.19
C ALA A 250 8.15 -2.81 -9.78
N VAL A 251 8.91 -1.74 -9.52
CA VAL A 251 9.44 -1.41 -8.16
C VAL A 251 8.88 -0.05 -7.76
N LEU A 252 8.20 0.00 -6.62
CA LEU A 252 7.65 1.26 -6.03
C LEU A 252 8.32 1.53 -4.70
N VAL A 253 8.40 2.82 -4.35
CA VAL A 253 8.91 3.29 -3.04
C VAL A 253 7.71 3.81 -2.25
N LYS A 254 7.54 3.32 -1.03
CA LYS A 254 6.44 3.75 -0.12
C LYS A 254 7.02 4.74 0.89
N ILE A 255 6.41 5.92 0.99
CA ILE A 255 6.96 7.02 1.81
C ILE A 255 5.98 7.36 2.92
N ALA A 256 6.54 7.93 3.98
CA ALA A 256 5.83 8.50 5.13
C ALA A 256 5.16 9.79 4.72
N PRO A 257 4.11 10.20 5.47
CA PRO A 257 3.54 11.54 5.35
C PRO A 257 4.32 12.59 6.15
N ASP A 258 5.41 12.20 6.83
CA ASP A 258 6.11 13.02 7.86
C ASP A 258 7.43 13.59 7.31
N LEU A 259 7.63 13.54 6.01
CA LEU A 259 8.88 14.00 5.35
C LEU A 259 8.96 15.52 5.37
N THR A 260 10.17 16.07 5.48
CA THR A 260 10.45 17.50 5.25
C THR A 260 10.29 17.78 3.75
N SER A 261 10.11 19.05 3.38
CA SER A 261 10.15 19.52 1.98
C SER A 261 11.45 19.02 1.30
N GLN A 262 12.57 19.06 2.02
CA GLN A 262 13.91 18.60 1.53
C GLN A 262 13.85 17.11 1.21
N ASP A 263 13.29 16.30 2.11
CA ASP A 263 13.16 14.83 1.94
C ASP A 263 12.36 14.54 0.66
N LYS A 264 11.23 15.23 0.48
CA LYS A 264 10.33 15.02 -0.67
C LYS A 264 11.03 15.39 -1.98
N GLU A 265 11.71 16.53 -2.01
CA GLU A 265 12.49 16.97 -3.20
C GLU A 265 13.55 15.91 -3.54
N ASP A 266 14.26 15.41 -2.53
CA ASP A 266 15.37 14.43 -2.68
C ASP A 266 14.81 13.11 -3.22
N ILE A 267 13.69 12.63 -2.67
CA ILE A 267 13.03 11.38 -3.12
C ILE A 267 12.58 11.55 -4.58
N ALA A 268 11.95 12.67 -4.93
CA ALA A 268 11.44 12.90 -6.31
C ALA A 268 12.60 12.84 -7.30
N SER A 269 13.72 13.47 -6.93
CA SER A 269 14.95 13.56 -7.75
C SER A 269 15.51 12.15 -8.00
N VAL A 270 15.73 11.39 -6.94
CA VAL A 270 16.31 10.01 -6.99
C VAL A 270 15.38 9.09 -7.80
N VAL A 271 14.06 9.19 -7.58
CA VAL A 271 13.05 8.35 -8.26
C VAL A 271 13.10 8.60 -9.79
N LYS A 272 13.23 9.86 -10.21
CA LYS A 272 13.30 10.22 -11.66
C LYS A 272 14.66 9.80 -12.23
N GLU A 273 15.74 10.03 -11.49
CA GLU A 273 17.13 9.69 -11.89
C GLU A 273 17.23 8.18 -12.18
N LEU A 274 16.65 7.34 -11.33
CA LEU A 274 16.89 5.87 -11.35
C LEU A 274 15.82 5.15 -12.18
N GLY A 275 14.72 5.81 -12.52
CA GLY A 275 13.61 5.16 -13.25
C GLY A 275 12.79 4.24 -12.36
N ILE A 276 12.63 4.59 -11.08
CA ILE A 276 11.67 3.91 -10.17
C ILE A 276 10.29 3.97 -10.83
N ASP A 277 9.54 2.88 -10.74
CA ASP A 277 8.29 2.68 -11.53
C ASP A 277 7.13 3.41 -10.86
N GLY A 278 7.19 3.67 -9.55
CA GLY A 278 6.06 4.33 -8.87
C GLY A 278 6.33 4.65 -7.41
N LEU A 279 5.40 5.36 -6.81
CA LEU A 279 5.41 5.76 -5.37
C LEU A 279 4.12 5.27 -4.72
N ILE A 280 4.21 4.84 -3.47
CA ILE A 280 3.03 4.58 -2.61
C ILE A 280 3.05 5.67 -1.54
N VAL A 281 1.95 6.43 -1.47
CA VAL A 281 1.85 7.72 -0.73
C VAL A 281 0.49 7.70 -0.04
N THR A 282 0.40 7.38 1.27
CA THR A 282 1.49 7.29 2.23
C THR A 282 1.31 6.12 3.20
N ASN A 283 2.36 5.86 3.96
CA ASN A 283 2.35 5.03 5.18
C ASN A 283 1.63 5.80 6.29
N THR A 284 1.64 5.23 7.50
CA THR A 284 1.05 5.86 8.71
C THR A 284 1.90 7.05 9.16
N THR A 285 1.32 7.91 9.98
CA THR A 285 1.99 9.14 10.50
C THR A 285 2.40 8.93 11.98
N VAL A 286 3.60 9.42 12.32
CA VAL A 286 4.09 9.51 13.71
C VAL A 286 3.66 10.86 14.31
N SER A 287 3.02 11.71 13.51
CA SER A 287 2.40 12.96 14.01
C SER A 287 1.09 12.59 14.72
N ARG A 288 0.61 13.50 15.57
CA ARG A 288 -0.71 13.40 16.21
C ARG A 288 -1.41 14.72 15.94
N PRO A 289 -2.16 14.79 14.83
CA PRO A 289 -2.88 16.01 14.48
C PRO A 289 -3.70 16.51 15.67
N ALA A 290 -3.77 17.84 15.83
CA ALA A 290 -4.66 18.49 16.81
C ALA A 290 -6.07 17.91 16.63
N GLY A 291 -6.77 17.67 17.74
CA GLY A 291 -8.20 17.32 17.73
C GLY A 291 -8.49 15.84 17.86
N LEU A 292 -7.47 14.96 17.90
CA LEU A 292 -7.69 13.52 18.25
C LEU A 292 -8.38 13.45 19.60
N GLN A 293 -9.44 12.64 19.68
CA GLN A 293 -10.26 12.46 20.91
C GLN A 293 -10.00 11.10 21.57
N GLY A 294 -9.54 10.10 20.81
CA GLY A 294 -9.38 8.74 21.35
C GLY A 294 -8.55 8.76 22.63
N ALA A 295 -8.97 7.99 23.64
CA ALA A 295 -8.21 7.84 24.90
C ALA A 295 -6.78 7.37 24.60
N LEU A 296 -6.56 6.63 23.51
CA LEU A 296 -5.27 5.97 23.21
C LEU A 296 -4.41 6.79 22.23
N ARG A 297 -4.72 8.08 22.07
CA ARG A 297 -4.06 8.95 21.05
C ARG A 297 -2.56 9.09 21.31
N SER A 298 -2.08 8.91 22.55
CA SER A 298 -0.65 9.13 22.91
C SER A 298 0.13 7.81 22.96
N GLU A 299 -0.46 6.71 22.49
CA GLU A 299 0.28 5.44 22.23
C GLU A 299 1.34 5.67 21.15
N THR A 300 2.54 5.12 21.33
CA THR A 300 3.60 5.09 20.30
C THR A 300 3.11 4.29 19.10
N GLY A 301 3.37 4.80 17.89
CA GLY A 301 3.19 4.03 16.65
C GLY A 301 2.69 4.88 15.51
N GLY A 302 2.26 4.22 14.44
CA GLY A 302 1.73 4.86 13.23
C GLY A 302 0.24 5.03 13.31
N LEU A 303 -0.24 6.25 13.08
CA LEU A 303 -1.67 6.61 13.05
C LEU A 303 -2.19 6.48 11.61
N SER A 304 -3.31 5.78 11.46
CA SER A 304 -4.00 5.51 10.17
C SER A 304 -5.44 6.01 10.26
N GLY A 305 -6.16 5.97 9.14
CA GLY A 305 -7.59 6.32 9.12
C GLY A 305 -7.81 7.81 8.90
N LYS A 306 -8.96 8.31 9.34
CA LYS A 306 -9.48 9.64 8.89
CA LYS A 306 -9.49 9.64 8.93
C LYS A 306 -8.49 10.75 9.22
N PRO A 307 -7.82 10.79 10.40
CA PRO A 307 -6.88 11.86 10.70
C PRO A 307 -5.66 11.96 9.78
N LEU A 308 -5.35 10.87 9.06
CA LEU A 308 -4.24 10.80 8.08
C LEU A 308 -4.70 11.27 6.69
N ARG A 309 -6.01 11.29 6.43
CA ARG A 309 -6.53 11.38 5.04
C ARG A 309 -5.90 12.56 4.28
N ASP A 310 -6.07 13.78 4.79
CA ASP A 310 -5.71 15.00 4.01
C ASP A 310 -4.19 15.19 4.02
N LEU A 311 -3.48 14.80 5.08
CA LEU A 311 -1.99 14.75 5.09
C LEU A 311 -1.49 13.88 3.94
N SER A 312 -2.10 12.71 3.76
CA SER A 312 -1.76 11.77 2.66
C SER A 312 -2.09 12.41 1.30
N THR A 313 -3.29 12.98 1.15
CA THR A 313 -3.72 13.62 -0.13
C THR A 313 -2.73 14.72 -0.50
N GLN A 314 -2.32 15.54 0.47
CA GLN A 314 -1.39 16.67 0.22
C GLN A 314 -0.01 16.13 -0.19
N THR A 315 0.42 14.99 0.36
CA THR A 315 1.72 14.38 0.00
C THR A 315 1.65 13.88 -1.44
N ILE A 316 0.52 13.28 -1.84
CA ILE A 316 0.27 12.83 -3.24
C ILE A 316 0.41 14.05 -4.16
N ARG A 317 -0.26 15.15 -3.80
CA ARG A 317 -0.30 16.36 -4.63
C ARG A 317 1.13 16.86 -4.87
N GLU A 318 1.93 16.94 -3.80
CA GLU A 318 3.32 17.42 -3.84
C GLU A 318 4.20 16.47 -4.67
N MET A 319 4.09 15.15 -4.46
CA MET A 319 4.97 14.18 -5.17
C MET A 319 4.61 14.13 -6.66
N TYR A 320 3.33 14.26 -7.01
CA TYR A 320 2.88 14.32 -8.42
C TYR A 320 3.53 15.52 -9.12
N ALA A 321 3.47 16.70 -8.49
CA ALA A 321 4.07 17.95 -9.01
C ALA A 321 5.60 17.78 -9.14
N LEU A 322 6.27 17.27 -8.11
CA LEU A 322 7.76 17.12 -8.12
C LEU A 322 8.22 16.11 -9.17
N THR A 323 7.36 15.17 -9.59
CA THR A 323 7.72 14.14 -10.62
C THR A 323 7.05 14.47 -11.96
N GLN A 324 6.48 15.66 -12.11
CA GLN A 324 5.86 16.16 -13.36
C GLN A 324 4.77 15.21 -13.85
N GLY A 325 4.11 14.48 -12.94
CA GLY A 325 3.02 13.54 -13.29
C GLY A 325 3.49 12.35 -14.12
N ARG A 326 4.79 12.08 -14.16
CA ARG A 326 5.41 11.01 -14.99
C ARG A 326 5.63 9.74 -14.16
N VAL A 327 5.43 9.80 -12.84
CA VAL A 327 5.68 8.66 -11.91
C VAL A 327 4.33 8.25 -11.31
N PRO A 328 3.80 7.06 -11.68
CA PRO A 328 2.55 6.58 -11.13
C PRO A 328 2.55 6.60 -9.60
N ILE A 329 1.44 7.03 -8.99
CA ILE A 329 1.28 7.10 -7.52
C ILE A 329 0.10 6.21 -7.13
N ILE A 330 0.31 5.36 -6.12
CA ILE A 330 -0.78 4.65 -5.42
C ILE A 330 -1.07 5.47 -4.17
N GLY A 331 -2.28 6.01 -4.08
CA GLY A 331 -2.69 6.91 -2.99
C GLY A 331 -3.31 6.14 -1.85
N VAL A 332 -2.86 6.39 -0.61
CA VAL A 332 -3.35 5.61 0.55
C VAL A 332 -3.27 6.47 1.82
N GLY A 333 -4.28 6.32 2.67
CA GLY A 333 -4.44 7.05 3.93
C GLY A 333 -5.82 7.63 4.08
N GLY A 334 -6.63 7.02 4.95
CA GLY A 334 -7.95 7.53 5.35
C GLY A 334 -9.00 7.47 4.25
N VAL A 335 -8.91 6.55 3.30
CA VAL A 335 -9.96 6.39 2.26
C VAL A 335 -11.10 5.55 2.84
N SER A 336 -12.31 6.12 2.94
CA SER A 336 -13.56 5.45 3.43
C SER A 336 -14.72 5.64 2.45
N SER A 337 -14.54 6.39 1.36
CA SER A 337 -15.66 6.79 0.47
C SER A 337 -15.14 7.03 -0.95
N GLY A 338 -16.07 7.06 -1.90
CA GLY A 338 -15.77 7.47 -3.28
C GLY A 338 -15.15 8.85 -3.32
N GLN A 339 -15.65 9.79 -2.52
CA GLN A 339 -15.09 11.16 -2.48
C GLN A 339 -13.62 11.09 -2.05
N ASP A 340 -13.31 10.31 -1.00
CA ASP A 340 -11.92 10.16 -0.50
C ASP A 340 -11.03 9.66 -1.65
N ALA A 341 -11.50 8.64 -2.36
CA ALA A 341 -10.75 8.02 -3.47
C ALA A 341 -10.53 9.06 -4.58
N LEU A 342 -11.58 9.74 -5.00
CA LEU A 342 -11.49 10.71 -6.13
C LEU A 342 -10.59 11.89 -5.75
N GLU A 343 -10.59 12.33 -4.49
CA GLU A 343 -9.69 13.44 -4.07
C GLU A 343 -8.24 13.02 -4.28
N LYS A 344 -7.90 11.77 -3.96
CA LYS A 344 -6.51 11.27 -4.15
C LYS A 344 -6.20 11.13 -5.65
N ILE A 345 -7.16 10.65 -6.45
CA ILE A 345 -6.98 10.48 -7.93
C ILE A 345 -6.76 11.86 -8.56
N ARG A 346 -7.61 12.84 -8.22
CA ARG A 346 -7.49 14.24 -8.72
C ARG A 346 -6.15 14.85 -8.28
N ALA A 347 -5.64 14.49 -7.10
CA ALA A 347 -4.36 14.98 -6.57
C ALA A 347 -3.17 14.37 -7.33
N GLY A 348 -3.38 13.22 -8.01
CA GLY A 348 -2.32 12.59 -8.82
C GLY A 348 -2.20 11.08 -8.66
N ALA A 349 -3.05 10.42 -7.87
CA ALA A 349 -3.00 8.95 -7.73
C ALA A 349 -3.65 8.26 -8.95
N SER A 350 -2.99 7.22 -9.49
CA SER A 350 -3.54 6.34 -10.56
C SER A 350 -4.38 5.21 -9.92
N LEU A 351 -4.04 4.83 -8.69
CA LEU A 351 -4.72 3.79 -7.90
C LEU A 351 -4.81 4.28 -6.45
N VAL A 352 -5.71 3.72 -5.68
CA VAL A 352 -5.78 3.98 -4.20
C VAL A 352 -5.78 2.64 -3.47
N GLN A 353 -5.44 2.69 -2.18
CA GLN A 353 -5.57 1.56 -1.25
C GLN A 353 -6.34 2.04 -0.01
N LEU A 354 -6.99 1.10 0.67
CA LEU A 354 -7.52 1.36 2.02
C LEU A 354 -7.21 0.17 2.92
N TYR A 355 -7.25 0.43 4.22
CA TYR A 355 -7.11 -0.59 5.28
C TYR A 355 -8.04 -0.21 6.42
N THR A 356 -7.72 0.88 7.13
CA THR A 356 -8.39 1.23 8.41
C THR A 356 -9.92 1.28 8.24
N ALA A 357 -10.44 1.74 7.11
CA ALA A 357 -11.90 1.86 6.86
C ALA A 357 -12.58 0.49 7.05
N LEU A 358 -11.92 -0.59 6.65
CA LEU A 358 -12.37 -2.00 6.83
C LEU A 358 -12.74 -2.26 8.30
N THR A 359 -12.01 -1.65 9.26
CA THR A 359 -12.16 -1.90 10.71
C THR A 359 -13.35 -1.10 11.29
N PHE A 360 -13.89 -0.16 10.54
CA PHE A 360 -15.03 0.72 10.96
C PHE A 360 -16.29 0.43 10.14
N TRP A 361 -16.15 0.06 8.86
CA TRP A 361 -17.29 -0.16 7.93
C TRP A 361 -17.43 -1.65 7.58
N GLY A 362 -16.40 -2.46 7.84
CA GLY A 362 -16.32 -3.87 7.43
C GLY A 362 -16.15 -4.03 5.91
N PRO A 363 -16.13 -5.29 5.41
CA PRO A 363 -16.01 -5.57 3.98
C PRO A 363 -16.92 -4.80 3.02
N PRO A 364 -18.18 -4.44 3.38
CA PRO A 364 -19.03 -3.67 2.47
C PRO A 364 -18.43 -2.34 2.02
N VAL A 365 -17.42 -1.80 2.70
CA VAL A 365 -16.83 -0.48 2.35
C VAL A 365 -16.18 -0.55 0.96
N VAL A 366 -15.73 -1.72 0.50
CA VAL A 366 -15.02 -1.85 -0.81
C VAL A 366 -16.02 -1.53 -1.94
N GLY A 367 -17.17 -2.21 -1.97
CA GLY A 367 -18.23 -1.94 -2.96
C GLY A 367 -18.74 -0.51 -2.84
N LYS A 368 -18.87 0.00 -1.62
CA LYS A 368 -19.32 1.39 -1.36
C LYS A 368 -18.38 2.38 -2.05
N VAL A 369 -17.07 2.25 -1.83
CA VAL A 369 -16.06 3.17 -2.42
C VAL A 369 -16.15 3.11 -3.95
N LYS A 370 -16.21 1.89 -4.50
CA LYS A 370 -16.27 1.70 -5.98
C LYS A 370 -17.54 2.35 -6.55
N ARG A 371 -18.72 2.10 -5.95
CA ARG A 371 -20.02 2.62 -6.47
C ARG A 371 -20.05 4.15 -6.36
N GLU A 372 -19.59 4.71 -5.23
CA GLU A 372 -19.57 6.17 -5.02
C GLU A 372 -18.59 6.82 -6.02
N LEU A 373 -17.42 6.21 -6.25
CA LEU A 373 -16.38 6.75 -7.17
C LEU A 373 -16.96 6.79 -8.59
N GLU A 374 -17.60 5.72 -9.04
CA GLU A 374 -18.25 5.67 -10.38
C GLU A 374 -19.28 6.81 -10.48
N ALA A 375 -20.12 7.00 -9.48
CA ALA A 375 -21.18 8.05 -9.45
C ALA A 375 -20.55 9.43 -9.55
N LEU A 376 -19.48 9.68 -8.80
CA LEU A 376 -18.81 11.01 -8.77
C LEU A 376 -18.12 11.29 -10.11
N LEU A 377 -17.47 10.28 -10.71
CA LEU A 377 -16.80 10.46 -12.03
C LEU A 377 -17.84 10.91 -13.05
N LYS A 378 -19.02 10.28 -13.06
CA LYS A 378 -20.12 10.62 -14.01
C LYS A 378 -20.55 12.08 -13.73
N GLU A 379 -20.85 12.39 -12.47
CA GLU A 379 -21.32 13.74 -12.05
C GLU A 379 -20.34 14.83 -12.49
N GLN A 380 -19.04 14.58 -12.44
CA GLN A 380 -17.99 15.60 -12.69
C GLN A 380 -17.57 15.57 -14.17
N GLY A 381 -18.17 14.70 -14.99
CA GLY A 381 -18.00 14.66 -16.45
C GLY A 381 -16.75 13.90 -16.91
N PHE A 382 -16.21 13.00 -16.08
CA PHE A 382 -15.04 12.16 -16.44
C PHE A 382 -15.52 10.92 -17.19
N GLY A 383 -14.84 10.57 -18.29
CA GLY A 383 -15.08 9.33 -19.04
C GLY A 383 -14.79 8.11 -18.19
N GLY A 384 -13.76 8.20 -17.34
CA GLY A 384 -13.36 7.14 -16.40
C GLY A 384 -12.31 7.65 -15.44
N VAL A 385 -11.80 6.75 -14.58
CA VAL A 385 -10.73 7.05 -13.58
C VAL A 385 -9.54 7.69 -14.30
N THR A 386 -9.10 7.14 -15.44
CA THR A 386 -7.88 7.61 -16.15
C THR A 386 -7.98 9.12 -16.42
N ASP A 387 -9.15 9.61 -16.82
CA ASP A 387 -9.36 11.04 -17.19
C ASP A 387 -9.21 11.93 -15.96
N ALA A 388 -9.46 11.40 -14.75
CA ALA A 388 -9.46 12.18 -13.49
C ALA A 388 -8.06 12.23 -12.87
N ILE A 389 -7.13 11.35 -13.27
CA ILE A 389 -5.79 11.28 -12.63
C ILE A 389 -5.09 12.64 -12.81
N GLY A 390 -4.79 13.31 -11.70
CA GLY A 390 -4.03 14.57 -11.68
C GLY A 390 -4.85 15.77 -12.12
N ALA A 391 -6.19 15.65 -12.22
CA ALA A 391 -7.08 16.70 -12.77
C ALA A 391 -6.96 18.01 -11.98
N ASP A 392 -6.66 17.95 -10.69
CA ASP A 392 -6.53 19.20 -9.88
C ASP A 392 -5.38 20.05 -10.42
N HIS A 393 -4.32 19.43 -10.96
CA HIS A 393 -3.10 20.12 -11.43
C HIS A 393 -3.35 20.86 -12.75
N ARG A 394 -4.46 20.56 -13.44
CA ARG A 394 -4.88 21.22 -14.71
C ARG A 394 -5.92 22.30 -14.38
N ARG A 395 -6.15 22.52 -13.08
CA ARG A 395 -6.90 23.64 -12.44
C ARG A 395 -8.40 23.38 -12.56
N1 FMN B . 2.31 -0.51 5.65
C2 FMN B . 3.36 -1.20 5.16
O2 FMN B . 3.96 -0.71 4.19
N3 FMN B . 3.77 -2.37 5.70
C4 FMN B . 3.17 -2.94 6.77
O4 FMN B . 3.53 -4.05 7.24
C4A FMN B . 1.99 -2.26 7.34
N5 FMN B . 1.35 -2.72 8.44
C5A FMN B . 0.24 -2.09 8.91
C6 FMN B . -0.48 -2.60 9.99
C7 FMN B . -1.59 -1.91 10.50
C7M FMN B . -2.38 -2.49 11.65
C8 FMN B . -2.02 -0.65 9.86
C8M FMN B . -3.25 0.09 10.36
C9 FMN B . -1.32 -0.15 8.78
C9A FMN B . -0.21 -0.81 8.29
N10 FMN B . 0.52 -0.29 7.20
C10 FMN B . 1.62 -0.98 6.70
C1' FMN B . 0.15 0.97 6.55
C2' FMN B . -0.97 0.81 5.55
O2' FMN B . -0.50 0.07 4.45
C3' FMN B . -1.40 2.20 5.05
O3' FMN B . -0.26 2.84 4.44
C4' FMN B . -1.90 3.12 6.17
O4' FMN B . -2.59 2.40 7.19
C5' FMN B . -2.82 4.20 5.61
O5' FMN B . -4.01 3.65 5.08
P FMN B . -5.43 3.59 5.87
O1P FMN B . -5.30 2.44 6.88
O2P FMN B . -6.43 3.29 4.79
O3P FMN B . -5.59 4.94 6.53
N1 ORO C . 3.17 -0.42 10.74
C2 ORO C . 2.85 0.63 9.90
O2 ORO C . 2.00 1.47 10.20
N3 ORO C . 3.56 0.69 8.73
C4 ORO C . 4.54 -0.19 8.32
O4 ORO C . 5.12 -0.02 7.24
C5 ORO C . 4.83 -1.25 9.24
C6 ORO C . 4.10 -1.36 10.41
C7 ORO C . 4.41 -2.36 11.45
O71 ORO C . 4.66 -3.51 11.10
O72 ORO C . 4.52 -1.92 12.59
S SO4 D . 10.43 -18.54 -17.16
O1 SO4 D . 9.72 -18.06 -18.30
O2 SO4 D . 11.20 -19.71 -17.53
O3 SO4 D . 11.32 -17.51 -16.68
O4 SO4 D . 9.49 -18.89 -16.13
C M0B E . -13.24 -10.14 13.43
N M0B E . -12.18 -7.24 12.09
O M0B E . -14.14 -8.57 11.92
N1 M0B E . -11.48 -6.53 11.11
C2 M0B E . -15.46 -9.04 13.84
C4 M0B E . -12.03 -6.66 9.88
C5 M0B E . -11.51 -5.97 8.67
C6 M0B E . -13.15 -7.40 10.06
C8 M0B E . -13.46 -9.35 7.62
F2 M0B E . -10.88 -5.27 13.62
C17 M0B E . -9.90 -5.51 12.73
C16 M0B E . -8.63 -5.06 13.00
C15 M0B E . -7.65 -5.16 12.03
C18 M0B E . -6.27 -4.56 12.21
C20 M0B E . -5.64 -4.43 13.56
C19 M0B E . -6.08 -3.21 12.86
C14 M0B E . -8.01 -5.76 10.83
N2 M0B E . -9.25 -6.17 10.54
C13 M0B E . -10.20 -6.02 11.45
C3 M0B E . -13.18 -7.77 11.41
C1 M0B E . -14.05 -8.89 13.35
O1 M0B E . -14.12 -7.59 9.12
C7 M0B E . -14.37 -8.82 8.51
C12 M0B E . -15.54 -9.53 8.73
F1 M0B E . -16.46 -9.01 9.58
C11 M0B E . -15.80 -10.72 8.11
C10 M0B E . -14.85 -11.23 7.23
C9 M0B E . -13.67 -10.55 6.97
F M0B E . -12.35 -8.64 7.35
#